data_9BJK
#
_entry.id   9BJK
#
_cell.length_a   1.00
_cell.length_b   1.00
_cell.length_c   1.00
_cell.angle_alpha   90.00
_cell.angle_beta   90.00
_cell.angle_gamma   90.00
#
_symmetry.space_group_name_H-M   'P 1'
#
loop_
_entity.id
_entity.type
_entity.pdbx_description
1 polymer 'kappa opioid receptor Nanobody 6'
2 polymer 'Mu-type opioid receptor'
3 non-polymer Naloxone
4 non-polymer Nalpha-[({(1M)-1-[5-(benzyloxy)pyridin-3-yl]naphthalen-2-yl}sulfanyl)acetyl]-3-methoxy-N,4-dimethyl-L-phenylalaninamide
#
loop_
_entity_poly.entity_id
_entity_poly.type
_entity_poly.pdbx_seq_one_letter_code
_entity_poly.pdbx_strand_id
1 'polypeptide(L)'
;MAQVQLQESGGGLVQAGESLRLSCAASGTIFRLYDMGWYRRVSGNQRELVASITSGGSTKYGDSVKGRFTISRDNAKNTV
YLQMSSLKPEDTAVYYCNAEYRTGIWEELLDGWGQGTQVTVSSHHHHHHEPEA
;
N
2 'polypeptide(L)'
;MKTIIALSYIFCLVFADYKDDDDAMGPGNISDCSDPLAPASCSPAPGSWLNLSHVDGNQSDPCGPNRTGLGGSHSLCPQT
GSPSMVTAITIMALYSIVCVVGLFGNFLVMYVIVRYTKMKTATNIYIFNLALADALATSTLPFQSVNYLMGTWPFGNILC
KIVISIDYYNMFTSIFTLCTMSVDRYIAVCHPVKALDFRTPRNAKIVNVCNWILSSAIGLPVMFMATTKYRQGSIDCTLT
FSHPTWYWENLLKICVFIFAFIMPVLIITVCYGLMILRLKSVRLLSGSREKDRNLRRITRMVLVVVAVFIVCWTPIHIYV
IIKALITIPETTFQTVSWHFCIALGYTNSCLNPVLYAFLDENFKRCFREFCIPTSSTIEQQNSARIRQNTREHPSTANTV
DRTNHQLENLEAETAPLPDIHHHHHH
;
R
#
# COMPACT_ATOMS: atom_id res chain seq x y z
N THR A 29 7.61 -3.93 -30.66
CA THR A 29 7.13 -4.59 -29.46
C THR A 29 8.24 -4.71 -28.42
N ILE A 30 9.31 -3.94 -28.63
CA ILE A 30 10.51 -4.03 -27.82
C ILE A 30 10.70 -2.70 -27.10
N PHE A 31 10.84 -2.77 -25.76
CA PHE A 31 11.16 -1.57 -24.98
C PHE A 31 12.51 -1.01 -25.38
N ARG A 32 13.51 -1.87 -25.53
CA ARG A 32 14.82 -1.49 -26.02
C ARG A 32 15.63 -2.76 -26.22
N LEU A 33 16.40 -2.80 -27.31
CA LEU A 33 17.33 -3.90 -27.56
C LEU A 33 18.72 -3.44 -27.16
N TYR A 34 19.39 -4.24 -26.34
CA TYR A 34 20.61 -3.80 -25.67
C TYR A 34 21.86 -4.24 -26.43
N ASP A 35 22.02 -5.54 -26.65
CA ASP A 35 23.20 -6.08 -27.28
C ASP A 35 22.84 -6.82 -28.56
N MET A 36 23.69 -6.67 -29.58
CA MET A 36 23.53 -7.35 -30.86
C MET A 36 24.88 -7.96 -31.23
N GLY A 37 24.84 -9.09 -31.93
CA GLY A 37 26.10 -9.71 -32.29
C GLY A 37 25.98 -10.66 -33.46
N TRP A 38 27.12 -10.90 -34.10
CA TRP A 38 27.26 -11.94 -35.11
C TRP A 38 27.91 -13.19 -34.50
N TYR A 39 27.19 -13.80 -33.56
CA TYR A 39 27.73 -14.95 -32.85
C TYR A 39 27.85 -16.16 -33.78
N ARG A 40 28.91 -16.92 -33.60
CA ARG A 40 29.16 -18.10 -34.42
C ARG A 40 29.64 -19.27 -33.56
N LEU A 49 31.43 -16.08 -30.32
CA LEU A 49 31.03 -14.79 -30.89
C LEU A 49 32.20 -14.14 -31.61
N VAL A 50 32.00 -13.81 -32.88
CA VAL A 50 33.05 -13.14 -33.65
C VAL A 50 33.32 -11.75 -33.08
N ALA A 51 32.26 -10.97 -32.87
CA ALA A 51 32.35 -9.66 -32.25
C ALA A 51 30.95 -9.11 -31.97
N SER A 52 30.71 -8.65 -30.75
CA SER A 52 29.41 -8.11 -30.37
C SER A 52 29.51 -6.59 -30.26
N ILE A 53 28.88 -5.89 -31.19
CA ILE A 53 28.88 -4.43 -31.23
C ILE A 53 27.63 -3.99 -30.49
N THR A 54 27.77 -3.67 -29.20
CA THR A 54 26.63 -3.42 -28.34
C THR A 54 26.01 -2.05 -28.60
N SER A 55 25.14 -1.60 -27.69
CA SER A 55 24.42 -0.34 -27.88
C SER A 55 25.32 0.88 -27.82
N GLY A 56 26.49 0.78 -27.18
CA GLY A 56 27.41 1.90 -27.13
C GLY A 56 28.56 1.74 -28.11
N GLY A 57 28.83 0.51 -28.51
CA GLY A 57 29.96 0.20 -29.36
C GLY A 57 31.16 -0.39 -28.64
N SER A 58 31.03 -0.69 -27.35
CA SER A 58 32.14 -1.21 -26.56
C SER A 58 32.30 -2.70 -26.79
N THR A 59 33.30 -3.29 -26.12
CA THR A 59 33.65 -4.70 -26.29
C THR A 59 34.04 -5.00 -27.74
N LYS A 60 34.77 -4.07 -28.36
CA LYS A 60 35.16 -4.20 -29.75
C LYS A 60 36.50 -4.91 -29.87
N THR A 70 23.97 4.71 -36.47
CA THR A 70 24.05 3.25 -36.48
C THR A 70 23.37 2.66 -35.25
N ILE A 71 22.48 3.44 -34.64
CA ILE A 71 21.70 3.01 -33.49
C ILE A 71 20.27 3.47 -33.68
N SER A 72 19.34 2.74 -33.07
CA SER A 72 17.92 2.96 -33.25
C SER A 72 17.28 3.23 -31.89
N ARG A 73 16.43 4.26 -31.84
CA ARG A 73 15.72 4.65 -30.62
C ARG A 73 14.23 4.48 -30.85
N ASP A 74 13.59 3.66 -30.02
CA ASP A 74 12.15 3.43 -30.12
C ASP A 74 11.65 2.92 -28.78
N ASN A 75 10.41 3.29 -28.45
CA ASN A 75 9.79 2.87 -27.21
C ASN A 75 8.59 1.96 -27.46
N ALA A 93 29.57 -19.37 -45.97
CA ALA A 93 29.79 -19.03 -44.57
C ALA A 93 28.47 -18.63 -43.90
N VAL A 94 27.74 -19.62 -43.39
CA VAL A 94 26.46 -19.35 -42.73
C VAL A 94 26.72 -18.77 -41.35
N TYR A 95 26.12 -17.61 -41.07
CA TYR A 95 26.27 -16.94 -39.79
C TYR A 95 24.91 -16.44 -39.32
N TYR A 96 24.79 -16.25 -38.00
CA TYR A 96 23.56 -15.77 -37.39
C TYR A 96 23.86 -14.64 -36.43
N CYS A 97 22.92 -13.70 -36.33
CA CYS A 97 23.05 -12.53 -35.47
C CYS A 97 22.03 -12.62 -34.35
N ASN A 98 22.51 -12.65 -33.11
CA ASN A 98 21.64 -12.68 -31.94
C ASN A 98 21.42 -11.28 -31.40
N ALA A 99 20.36 -11.15 -30.60
CA ALA A 99 20.05 -9.90 -29.93
C ALA A 99 19.56 -10.20 -28.52
N GLU A 100 19.62 -9.18 -27.66
CA GLU A 100 19.06 -9.27 -26.32
C GLU A 100 18.11 -8.10 -26.12
N TYR A 101 16.97 -8.35 -25.48
CA TYR A 101 15.99 -7.28 -25.31
C TYR A 101 14.99 -7.66 -24.23
N ARG A 102 14.22 -6.66 -23.80
CA ARG A 102 13.06 -6.86 -22.94
C ARG A 102 11.88 -6.09 -23.52
N THR A 103 10.68 -6.66 -23.38
CA THR A 103 9.50 -6.05 -23.97
C THR A 103 9.12 -4.75 -23.26
N GLY A 104 9.20 -4.73 -21.92
CA GLY A 104 8.82 -3.56 -21.16
C GLY A 104 9.79 -3.33 -20.01
N ILE A 105 9.43 -2.38 -19.13
CA ILE A 105 10.28 -2.11 -17.97
C ILE A 105 10.27 -3.30 -17.02
N TRP A 106 9.10 -3.81 -16.72
CA TRP A 106 9.07 -4.80 -15.66
C TRP A 106 9.40 -6.21 -16.13
N GLU A 107 9.66 -6.43 -17.41
CA GLU A 107 9.89 -7.77 -17.94
C GLU A 107 11.38 -8.12 -17.94
N GLU A 108 11.67 -9.39 -17.71
CA GLU A 108 13.05 -9.85 -17.62
C GLU A 108 13.72 -9.84 -18.98
N LEU A 109 15.04 -9.75 -18.97
CA LEU A 109 15.82 -9.76 -20.21
C LEU A 109 15.72 -11.14 -20.87
N LEU A 110 15.59 -11.14 -22.19
CA LEU A 110 15.52 -12.40 -22.94
C LEU A 110 16.28 -12.26 -24.25
N ASP A 111 16.81 -13.37 -24.72
CA ASP A 111 17.69 -13.41 -25.88
C ASP A 111 16.94 -13.97 -27.08
N GLY A 112 17.07 -13.30 -28.21
CA GLY A 112 16.45 -13.75 -29.44
C GLY A 112 17.45 -14.10 -30.52
N TRP A 113 17.20 -15.20 -31.22
CA TRP A 113 18.02 -15.64 -32.34
C TRP A 113 17.30 -15.40 -33.65
N GLY A 114 18.05 -14.92 -34.64
CA GLY A 114 17.48 -14.63 -35.95
C GLY A 114 17.37 -15.86 -36.84
N MET B 85 -36.29 -3.46 4.83
CA MET B 85 -35.57 -4.71 5.04
C MET B 85 -34.69 -5.03 3.84
N VAL B 86 -35.02 -4.45 2.69
CA VAL B 86 -34.23 -4.69 1.48
C VAL B 86 -32.87 -3.99 1.59
N THR B 87 -32.89 -2.65 1.63
CA THR B 87 -31.64 -1.89 1.67
C THR B 87 -30.92 -2.10 2.99
N ALA B 88 -31.66 -2.34 4.07
CA ALA B 88 -31.04 -2.55 5.38
C ALA B 88 -30.20 -3.81 5.39
N ILE B 89 -30.82 -4.97 5.13
CA ILE B 89 -30.08 -6.23 5.10
C ILE B 89 -29.09 -6.26 3.93
N THR B 90 -29.29 -5.46 2.88
CA THR B 90 -28.26 -5.25 1.87
C THR B 90 -27.00 -4.63 2.48
N ILE B 91 -27.17 -3.59 3.29
CA ILE B 91 -26.03 -2.93 3.92
C ILE B 91 -25.34 -3.86 4.93
N MET B 92 -26.13 -4.62 5.70
CA MET B 92 -25.52 -5.61 6.59
C MET B 92 -24.82 -6.73 5.81
N ALA B 93 -25.31 -7.06 4.62
CA ALA B 93 -24.59 -7.99 3.76
C ALA B 93 -23.25 -7.43 3.36
N LEU B 94 -23.19 -6.13 3.05
CA LEU B 94 -21.91 -5.50 2.71
C LEU B 94 -20.95 -5.52 3.90
N TYR B 95 -21.45 -5.24 5.10
CA TYR B 95 -20.62 -5.34 6.31
C TYR B 95 -20.06 -6.73 6.52
N SER B 96 -20.92 -7.75 6.41
CA SER B 96 -20.47 -9.12 6.65
C SER B 96 -19.47 -9.57 5.58
N ILE B 97 -19.74 -9.21 4.32
CA ILE B 97 -18.86 -9.56 3.20
C ILE B 97 -17.48 -8.94 3.39
N VAL B 98 -17.45 -7.62 3.65
CA VAL B 98 -16.17 -6.91 3.73
C VAL B 98 -15.37 -7.38 4.94
N CYS B 99 -16.04 -7.53 6.09
CA CYS B 99 -15.32 -7.94 7.31
C CYS B 99 -14.78 -9.36 7.19
N VAL B 100 -15.60 -10.29 6.67
CA VAL B 100 -15.16 -11.67 6.54
C VAL B 100 -14.01 -11.80 5.55
N VAL B 101 -14.11 -11.14 4.39
CA VAL B 101 -13.06 -11.28 3.39
C VAL B 101 -11.78 -10.60 3.83
N GLY B 102 -11.85 -9.43 4.46
CA GLY B 102 -10.66 -8.78 4.96
C GLY B 102 -9.95 -9.56 6.04
N LEU B 103 -10.71 -10.08 7.02
CA LEU B 103 -10.12 -10.87 8.09
C LEU B 103 -9.50 -12.16 7.55
N PHE B 104 -10.19 -12.84 6.64
CA PHE B 104 -9.65 -14.09 6.11
C PHE B 104 -8.40 -13.86 5.28
N GLY B 105 -8.41 -12.84 4.42
CA GLY B 105 -7.25 -12.56 3.59
C GLY B 105 -6.04 -12.14 4.40
N ASN B 106 -6.23 -11.26 5.39
CA ASN B 106 -5.10 -10.84 6.20
C ASN B 106 -4.59 -11.93 7.13
N PHE B 107 -5.48 -12.78 7.67
CA PHE B 107 -5.01 -13.91 8.47
C PHE B 107 -4.22 -14.90 7.64
N LEU B 108 -4.67 -15.16 6.40
CA LEU B 108 -3.91 -16.04 5.50
C LEU B 108 -2.55 -15.44 5.16
N VAL B 109 -2.49 -14.12 4.96
CA VAL B 109 -1.22 -13.47 4.65
C VAL B 109 -0.23 -13.61 5.81
N MET B 110 -0.69 -13.37 7.05
CA MET B 110 0.19 -13.53 8.20
C MET B 110 0.61 -14.98 8.39
N TYR B 111 -0.32 -15.93 8.19
CA TYR B 111 -0.01 -17.34 8.30
C TYR B 111 1.06 -17.78 7.31
N VAL B 112 0.92 -17.40 6.04
CA VAL B 112 1.90 -17.84 5.05
C VAL B 112 3.23 -17.11 5.24
N ILE B 113 3.21 -15.85 5.70
CA ILE B 113 4.48 -15.16 5.88
C ILE B 113 5.26 -15.74 7.06
N VAL B 114 4.57 -16.07 8.15
CA VAL B 114 5.28 -16.57 9.32
C VAL B 114 5.63 -18.05 9.23
N ARG B 115 4.81 -18.86 8.57
CA ARG B 115 5.00 -20.31 8.62
C ARG B 115 5.99 -20.83 7.59
N TYR B 116 6.54 -19.98 6.73
CA TYR B 116 7.46 -20.40 5.70
C TYR B 116 8.81 -19.70 5.87
N THR B 117 9.89 -20.44 5.66
CA THR B 117 11.23 -19.88 5.77
C THR B 117 11.59 -19.02 4.56
N LYS B 118 11.08 -19.38 3.38
CA LYS B 118 11.42 -18.66 2.16
C LYS B 118 10.72 -17.32 2.04
N MET B 119 9.72 -17.04 2.89
CA MET B 119 9.03 -15.76 2.86
C MET B 119 9.65 -14.70 3.76
N LYS B 120 10.63 -15.05 4.57
CA LYS B 120 11.25 -14.08 5.49
C LYS B 120 12.22 -13.21 4.69
N THR B 121 11.77 -12.03 4.29
CA THR B 121 12.52 -11.14 3.43
C THR B 121 12.37 -9.74 3.99
N ALA B 122 13.23 -8.81 3.53
CA ALA B 122 13.14 -7.43 3.99
C ALA B 122 11.86 -6.73 3.52
N THR B 123 11.22 -7.22 2.47
CA THR B 123 9.97 -6.62 2.00
C THR B 123 8.79 -7.56 2.17
N ASN B 124 8.85 -8.44 3.17
CA ASN B 124 7.70 -9.22 3.58
C ASN B 124 7.42 -8.96 5.04
N ILE B 125 8.33 -8.27 5.71
CA ILE B 125 8.04 -7.71 7.02
C ILE B 125 7.13 -6.50 6.89
N TYR B 126 7.39 -5.67 5.88
CA TYR B 126 6.56 -4.50 5.64
C TYR B 126 5.15 -4.90 5.24
N ILE B 127 5.03 -5.94 4.41
CA ILE B 127 3.72 -6.43 4.01
C ILE B 127 2.97 -7.02 5.19
N PHE B 128 3.69 -7.66 6.10
CA PHE B 128 3.08 -8.21 7.31
C PHE B 128 2.53 -7.09 8.18
N ASN B 129 3.28 -5.99 8.31
CA ASN B 129 2.78 -4.84 9.05
C ASN B 129 1.57 -4.20 8.36
N LEU B 130 1.59 -4.16 7.03
CA LEU B 130 0.47 -3.60 6.27
C LEU B 130 -0.80 -4.42 6.47
N ALA B 131 -0.68 -5.74 6.41
CA ALA B 131 -1.82 -6.64 6.61
C ALA B 131 -2.11 -6.87 8.09
N LEU B 132 -1.32 -6.25 8.96
CA LEU B 132 -1.66 -6.15 10.37
C LEU B 132 -2.58 -4.95 10.59
N ALA B 133 -2.19 -3.81 10.02
CA ALA B 133 -3.02 -2.61 10.14
C ALA B 133 -4.37 -2.78 9.44
N ASP B 134 -4.37 -3.47 8.30
CA ASP B 134 -5.62 -3.70 7.58
C ASP B 134 -6.58 -4.59 8.38
N ALA B 135 -6.06 -5.64 9.02
CA ALA B 135 -6.92 -6.47 9.87
C ALA B 135 -7.39 -5.70 11.10
N LEU B 136 -6.55 -4.81 11.64
CA LEU B 136 -6.96 -3.96 12.76
C LEU B 136 -8.12 -3.05 12.36
N ALA B 137 -8.06 -2.49 11.14
CA ALA B 137 -9.19 -1.69 10.66
C ALA B 137 -10.43 -2.56 10.46
N THR B 138 -10.28 -3.73 9.84
CA THR B 138 -11.42 -4.56 9.50
C THR B 138 -12.11 -5.15 10.72
N SER B 139 -11.40 -5.30 11.85
CA SER B 139 -12.02 -5.90 13.02
C SER B 139 -13.08 -5.02 13.67
N THR B 140 -13.13 -3.73 13.36
CA THR B 140 -14.13 -2.83 13.93
C THR B 140 -15.43 -2.77 13.14
N LEU B 141 -15.48 -3.38 11.96
CA LEU B 141 -16.69 -3.34 11.14
C LEU B 141 -17.90 -4.02 11.77
N PRO B 142 -17.80 -5.20 12.42
CA PRO B 142 -18.98 -5.75 13.10
C PRO B 142 -19.59 -4.86 14.18
N PHE B 143 -18.79 -4.04 14.85
CA PHE B 143 -19.35 -3.14 15.85
C PHE B 143 -20.18 -2.03 15.19
N GLN B 144 -19.71 -1.50 14.06
CA GLN B 144 -20.55 -0.58 13.27
C GLN B 144 -21.78 -1.30 12.75
N SER B 145 -21.65 -2.60 12.43
CA SER B 145 -22.78 -3.40 12.00
C SER B 145 -23.86 -3.48 13.06
N VAL B 146 -23.45 -3.69 14.31
CA VAL B 146 -24.43 -3.71 15.40
C VAL B 146 -24.98 -2.31 15.67
N ASN B 147 -24.13 -1.29 15.55
CA ASN B 147 -24.56 0.07 15.86
C ASN B 147 -25.52 0.62 14.81
N TYR B 148 -25.48 0.12 13.57
CA TYR B 148 -26.38 0.66 12.56
C TYR B 148 -27.82 0.28 12.82
N LEU B 149 -28.08 -1.00 13.13
CA LEU B 149 -29.46 -1.47 13.26
C LEU B 149 -30.11 -0.90 14.50
N MET B 150 -29.48 -1.10 15.66
CA MET B 150 -30.10 -0.70 16.93
C MET B 150 -30.15 0.81 17.07
N GLY B 151 -29.16 1.50 16.50
CA GLY B 151 -29.06 2.93 16.64
C GLY B 151 -28.33 3.40 17.87
N THR B 152 -27.96 2.49 18.77
CA THR B 152 -27.26 2.85 20.00
C THR B 152 -25.98 2.04 20.07
N TRP B 153 -24.92 2.66 20.54
CA TRP B 153 -23.67 1.94 20.78
C TRP B 153 -23.76 1.20 22.10
N PRO B 154 -23.98 -0.12 22.10
CA PRO B 154 -24.30 -0.84 23.35
C PRO B 154 -23.10 -1.51 24.04
N PHE B 155 -21.86 -1.24 23.60
CA PHE B 155 -20.69 -1.94 24.13
C PHE B 155 -19.98 -1.19 25.25
N GLY B 156 -20.40 0.03 25.56
CA GLY B 156 -19.78 0.76 26.65
C GLY B 156 -18.82 1.85 26.23
N ASN B 157 -17.82 2.11 27.07
CA ASN B 157 -16.90 3.24 26.88
C ASN B 157 -15.54 2.79 26.35
N ILE B 158 -15.01 1.70 26.90
CA ILE B 158 -13.64 1.27 26.57
C ILE B 158 -13.56 0.82 25.13
N LEU B 159 -14.54 0.05 24.66
CA LEU B 159 -14.53 -0.42 23.28
C LEU B 159 -14.69 0.73 22.30
N CYS B 160 -15.48 1.73 22.66
CA CYS B 160 -15.62 2.94 21.84
C CYS B 160 -14.30 3.68 21.71
N LYS B 161 -13.60 3.81 22.83
CA LYS B 161 -12.27 4.42 22.83
C LYS B 161 -11.30 3.64 21.94
N ILE B 162 -11.37 2.31 22.02
CA ILE B 162 -10.48 1.46 21.24
C ILE B 162 -10.77 1.59 19.75
N VAL B 163 -12.05 1.65 19.37
CA VAL B 163 -12.41 1.73 17.96
C VAL B 163 -11.95 3.07 17.37
N ILE B 164 -12.18 4.16 18.12
CA ILE B 164 -11.78 5.48 17.63
C ILE B 164 -10.25 5.58 17.53
N SER B 165 -9.52 4.94 18.44
CA SER B 165 -8.07 4.91 18.32
C SER B 165 -7.62 4.07 17.13
N ILE B 166 -8.30 2.95 16.89
CA ILE B 166 -7.91 2.00 15.85
C ILE B 166 -8.07 2.62 14.47
N ASP B 167 -9.03 3.53 14.30
CA ASP B 167 -9.18 4.25 13.03
C ASP B 167 -7.94 5.06 12.68
N TYR B 168 -7.40 5.79 13.66
CA TYR B 168 -6.25 6.65 13.38
C TYR B 168 -4.95 5.84 13.26
N TYR B 169 -4.80 4.77 14.04
CA TYR B 169 -3.70 3.83 13.77
C TYR B 169 -3.78 3.24 12.36
N ASN B 170 -4.98 2.88 11.90
CA ASN B 170 -5.17 2.37 10.55
C ASN B 170 -4.68 3.36 9.51
N MET B 171 -5.15 4.60 9.59
CA MET B 171 -4.82 5.61 8.58
C MET B 171 -3.32 5.94 8.59
N PHE B 172 -2.77 6.25 9.77
CA PHE B 172 -1.38 6.69 9.85
C PHE B 172 -0.40 5.56 9.53
N THR B 173 -0.59 4.37 10.12
CA THR B 173 0.36 3.30 9.87
C THR B 173 0.25 2.77 8.44
N SER B 174 -0.96 2.72 7.88
CA SER B 174 -1.08 2.30 6.50
C SER B 174 -0.45 3.29 5.54
N ILE B 175 -0.42 4.58 5.86
CA ILE B 175 0.30 5.51 4.99
C ILE B 175 1.80 5.57 5.25
N PHE B 176 2.26 5.21 6.45
CA PHE B 176 3.70 5.27 6.70
C PHE B 176 4.42 4.01 6.25
N THR B 177 3.77 2.85 6.34
CA THR B 177 4.40 1.61 5.90
C THR B 177 4.64 1.61 4.40
N LEU B 178 3.73 2.18 3.61
CA LEU B 178 3.95 2.29 2.17
C LEU B 178 5.13 3.19 1.84
N CYS B 179 5.28 4.29 2.57
CA CYS B 179 6.42 5.18 2.37
C CYS B 179 7.74 4.50 2.71
N THR B 180 7.79 3.78 3.83
CA THR B 180 9.04 3.10 4.18
C THR B 180 9.32 1.93 3.24
N MET B 181 8.26 1.28 2.72
CA MET B 181 8.44 0.23 1.72
C MET B 181 9.02 0.78 0.43
N SER B 182 8.54 1.95 -0.01
CA SER B 182 9.06 2.55 -1.24
C SER B 182 10.51 3.00 -1.06
N VAL B 183 10.86 3.54 0.10
CA VAL B 183 12.25 3.93 0.32
C VAL B 183 13.16 2.69 0.39
N ASP B 184 12.66 1.58 0.95
CA ASP B 184 13.38 0.32 0.90
C ASP B 184 13.62 -0.14 -0.52
N ARG B 185 12.60 -0.05 -1.36
CA ARG B 185 12.74 -0.50 -2.74
C ARG B 185 13.69 0.41 -3.50
N TYR B 186 13.72 1.70 -3.15
CA TYR B 186 14.73 2.62 -3.69
C TYR B 186 16.14 2.20 -3.34
N ILE B 187 16.36 1.87 -2.05
CA ILE B 187 17.69 1.45 -1.61
C ILE B 187 18.09 0.17 -2.32
N ALA B 188 17.14 -0.75 -2.51
CA ALA B 188 17.42 -2.01 -3.18
C ALA B 188 17.80 -1.79 -4.64
N VAL B 189 17.07 -0.92 -5.35
CA VAL B 189 17.29 -0.82 -6.79
C VAL B 189 18.48 0.08 -7.10
N CYS B 190 18.47 1.33 -6.66
CA CYS B 190 19.45 2.29 -7.13
C CYS B 190 20.73 2.34 -6.30
N HIS B 191 20.78 1.63 -5.17
CA HIS B 191 21.99 1.55 -4.36
C HIS B 191 22.23 0.10 -3.97
N PRO B 192 22.70 -0.72 -4.93
CA PRO B 192 22.84 -2.16 -4.66
C PRO B 192 23.92 -2.50 -3.65
N VAL B 193 25.07 -1.79 -3.71
CA VAL B 193 26.16 -2.09 -2.80
C VAL B 193 25.78 -1.76 -1.36
N LYS B 194 25.16 -0.59 -1.16
CA LYS B 194 24.71 -0.22 0.18
C LYS B 194 23.56 -1.11 0.64
N ALA B 195 22.63 -1.42 -0.27
CA ALA B 195 21.45 -2.20 0.10
C ALA B 195 21.82 -3.64 0.46
N LEU B 196 22.91 -4.15 -0.11
CA LEU B 196 23.42 -5.44 0.35
C LEU B 196 23.90 -5.38 1.79
N ASP B 197 24.36 -4.21 2.25
CA ASP B 197 24.87 -4.09 3.62
C ASP B 197 23.75 -4.16 4.65
N PHE B 198 22.72 -3.33 4.49
CA PHE B 198 21.69 -3.14 5.52
C PHE B 198 20.29 -3.34 4.92
N ARG B 199 19.93 -4.60 4.72
CA ARG B 199 18.56 -4.95 4.33
C ARG B 199 18.12 -6.25 4.98
N THR B 200 18.74 -6.64 6.09
CA THR B 200 18.37 -7.87 6.77
C THR B 200 16.97 -7.72 7.37
N PRO B 201 16.29 -8.83 7.66
CA PRO B 201 15.02 -8.75 8.40
C PRO B 201 15.17 -8.35 9.87
N ARG B 202 16.38 -8.23 10.40
CA ARG B 202 16.59 -7.58 11.68
C ARG B 202 16.37 -6.08 11.62
N ASN B 203 16.71 -5.44 10.50
CA ASN B 203 16.49 -4.01 10.36
C ASN B 203 15.01 -3.68 10.20
N ALA B 204 14.28 -4.54 9.50
CA ALA B 204 12.88 -4.25 9.18
C ALA B 204 12.02 -4.24 10.44
N LYS B 205 12.34 -5.10 11.41
CA LYS B 205 11.61 -5.13 12.67
C LYS B 205 11.79 -3.82 13.43
N ILE B 206 13.02 -3.30 13.45
CA ILE B 206 13.28 -2.04 14.15
C ILE B 206 12.61 -0.87 13.43
N VAL B 207 12.60 -0.89 12.10
CA VAL B 207 11.88 0.16 11.36
C VAL B 207 10.38 0.07 11.61
N ASN B 208 9.83 -1.15 11.68
CA ASN B 208 8.40 -1.32 11.96
C ASN B 208 8.04 -0.81 13.35
N VAL B 209 8.86 -1.12 14.36
CA VAL B 209 8.56 -0.65 15.70
C VAL B 209 8.71 0.86 15.80
N CYS B 210 9.70 1.44 15.11
CA CYS B 210 9.84 2.90 15.12
C CYS B 210 8.66 3.58 14.43
N ASN B 211 8.21 3.02 13.30
CA ASN B 211 7.04 3.55 12.61
C ASN B 211 5.80 3.45 13.47
N TRP B 212 5.65 2.33 14.18
CA TRP B 212 4.42 2.15 14.94
C TRP B 212 4.42 3.06 16.17
N ILE B 213 5.59 3.30 16.77
CA ILE B 213 5.68 4.23 17.89
C ILE B 213 5.38 5.65 17.43
N LEU B 214 5.93 6.04 16.27
CA LEU B 214 5.70 7.39 15.75
C LEU B 214 4.22 7.62 15.45
N SER B 215 3.56 6.62 14.88
CA SER B 215 2.12 6.72 14.65
C SER B 215 1.35 6.78 15.97
N SER B 216 1.76 5.96 16.95
CA SER B 216 1.00 5.84 18.20
C SER B 216 1.08 7.10 19.04
N ALA B 217 2.15 7.86 18.90
CA ALA B 217 2.28 9.13 19.64
C ALA B 217 1.17 10.11 19.27
N ILE B 218 0.68 10.07 18.05
CA ILE B 218 -0.42 10.90 17.61
C ILE B 218 -1.76 10.18 17.78
N GLY B 219 -1.76 8.86 17.65
CA GLY B 219 -3.01 8.12 17.73
C GLY B 219 -3.50 7.86 19.14
N LEU B 220 -2.69 8.14 20.16
CA LEU B 220 -3.13 7.96 21.54
C LEU B 220 -3.93 9.14 22.10
N PRO B 221 -3.59 10.40 21.80
CA PRO B 221 -4.49 11.51 22.18
C PRO B 221 -5.90 11.42 21.64
N VAL B 222 -6.11 10.74 20.50
CA VAL B 222 -7.47 10.51 20.03
C VAL B 222 -8.24 9.61 20.99
N MET B 223 -7.57 8.61 21.56
CA MET B 223 -8.19 7.81 22.61
C MET B 223 -8.29 8.56 23.93
N PHE B 224 -7.49 9.62 24.10
CA PHE B 224 -7.59 10.47 25.28
C PHE B 224 -8.96 11.15 25.35
N MET B 225 -9.50 11.55 24.21
CA MET B 225 -10.65 12.45 24.15
C MET B 225 -11.75 11.89 23.26
N ALA B 226 -11.98 10.58 23.33
CA ALA B 226 -13.09 9.94 22.64
C ALA B 226 -13.97 9.26 23.67
N THR B 227 -15.26 9.58 23.66
CA THR B 227 -16.16 9.09 24.69
C THR B 227 -17.55 8.85 24.14
N THR B 228 -18.31 8.05 24.86
CA THR B 228 -19.73 7.82 24.55
C THR B 228 -20.58 8.89 25.23
N LYS B 229 -21.43 9.55 24.44
CA LYS B 229 -22.24 10.64 24.94
C LYS B 229 -23.61 10.11 25.36
N TYR B 230 -24.55 11.02 25.59
CA TYR B 230 -25.94 10.65 25.86
C TYR B 230 -26.81 11.62 25.07
N ARG B 231 -27.08 11.29 23.81
CA ARG B 231 -27.83 12.17 22.95
C ARG B 231 -29.32 12.13 23.31
N GLN B 232 -30.12 12.86 22.54
CA GLN B 232 -31.55 12.92 22.82
C GLN B 232 -32.23 11.57 22.56
N GLY B 233 -31.92 10.96 21.42
CA GLY B 233 -32.53 9.70 21.05
C GLY B 233 -31.72 8.47 21.41
N SER B 234 -30.46 8.45 21.00
CA SER B 234 -29.61 7.28 21.17
C SER B 234 -28.19 7.70 21.51
N ILE B 235 -27.52 6.86 22.32
CA ILE B 235 -26.16 7.15 22.74
C ILE B 235 -25.21 6.86 21.58
N ASP B 236 -24.25 7.76 21.37
CA ASP B 236 -23.30 7.61 20.27
C ASP B 236 -21.90 7.96 20.72
N CYS B 237 -20.91 7.45 20.00
CA CYS B 237 -19.50 7.75 20.23
C CYS B 237 -19.15 9.08 19.58
N THR B 238 -18.20 9.79 20.18
CA THR B 238 -17.85 11.08 19.62
C THR B 238 -16.51 11.53 20.18
N LEU B 239 -15.84 12.39 19.43
CA LEU B 239 -14.66 13.09 19.92
C LEU B 239 -15.08 14.38 20.60
N THR B 240 -14.77 14.52 21.88
CA THR B 240 -15.12 15.70 22.66
C THR B 240 -13.88 16.58 22.75
N PHE B 241 -13.83 17.61 21.93
CA PHE B 241 -12.70 18.55 21.98
C PHE B 241 -12.85 19.45 23.20
N SER B 242 -11.82 19.45 24.06
CA SER B 242 -11.99 19.89 25.43
C SER B 242 -12.33 21.36 25.65
N HIS B 243 -11.36 22.27 25.47
CA HIS B 243 -11.63 23.61 25.95
C HIS B 243 -12.43 24.45 24.95
N PRO B 244 -11.92 24.76 23.72
CA PRO B 244 -12.68 25.69 22.88
C PRO B 244 -13.61 25.00 21.90
N THR B 245 -13.31 23.74 21.60
CA THR B 245 -13.98 22.82 20.66
C THR B 245 -14.18 23.42 19.26
N TRP B 246 -13.37 24.40 18.85
CA TRP B 246 -13.43 24.94 17.50
C TRP B 246 -12.02 24.96 16.90
N TYR B 247 -11.03 25.10 17.78
CA TYR B 247 -9.65 25.28 17.38
C TYR B 247 -8.95 23.94 17.21
N TRP B 248 -9.12 23.05 18.19
CA TRP B 248 -8.45 21.74 18.14
C TRP B 248 -8.99 20.88 17.02
N GLU B 249 -10.28 21.04 16.68
CA GLU B 249 -10.87 20.26 15.60
C GLU B 249 -10.22 20.57 14.27
N ASN B 250 -10.13 21.85 13.93
CA ASN B 250 -9.49 22.25 12.69
C ASN B 250 -8.00 21.97 12.73
N LEU B 251 -7.39 22.01 13.91
CA LEU B 251 -5.97 21.67 14.03
C LEU B 251 -5.73 20.21 13.68
N LEU B 252 -6.57 19.31 14.20
CA LEU B 252 -6.43 17.89 13.88
C LEU B 252 -6.68 17.64 12.40
N LYS B 253 -7.68 18.30 11.81
CA LYS B 253 -8.00 18.09 10.40
C LYS B 253 -6.84 18.53 9.51
N ILE B 254 -6.31 19.73 9.76
CA ILE B 254 -5.20 20.24 8.96
C ILE B 254 -3.95 19.40 9.16
N CYS B 255 -3.70 18.96 10.40
CA CYS B 255 -2.51 18.16 10.69
C CYS B 255 -2.56 16.81 9.98
N VAL B 256 -3.71 16.13 10.02
CA VAL B 256 -3.85 14.83 9.38
C VAL B 256 -3.70 14.96 7.87
N PHE B 257 -4.33 15.98 7.28
CA PHE B 257 -4.26 16.16 5.83
C PHE B 257 -2.83 16.48 5.38
N ILE B 258 -2.20 17.47 6.03
CA ILE B 258 -0.84 17.92 5.67
C ILE B 258 0.17 16.79 5.83
N PHE B 259 0.17 16.12 6.98
CA PHE B 259 1.15 15.06 7.16
C PHE B 259 0.82 13.87 6.28
N ALA B 260 -0.35 13.24 6.46
CA ALA B 260 -0.66 11.96 5.84
C ALA B 260 -0.96 12.05 4.33
N PHE B 261 -0.85 13.21 3.68
CA PHE B 261 -0.37 13.17 2.29
C PHE B 261 1.03 13.72 2.10
N ILE B 262 1.27 14.99 2.44
CA ILE B 262 2.35 15.74 1.80
C ILE B 262 3.71 15.21 2.25
N MET B 263 3.78 14.54 3.40
CA MET B 263 5.06 13.85 3.55
C MET B 263 5.11 12.55 2.73
N PRO B 264 4.21 11.57 2.95
CA PRO B 264 4.41 10.27 2.27
C PRO B 264 4.18 10.29 0.78
N VAL B 265 3.20 11.07 0.29
CA VAL B 265 2.96 11.08 -1.15
C VAL B 265 4.12 11.73 -1.90
N LEU B 266 4.68 12.80 -1.35
CA LEU B 266 5.84 13.43 -1.98
C LEU B 266 7.06 12.53 -1.93
N ILE B 267 7.26 11.82 -0.80
CA ILE B 267 8.39 10.89 -0.71
C ILE B 267 8.23 9.74 -1.70
N ILE B 268 7.01 9.22 -1.84
CA ILE B 268 6.75 8.11 -2.73
C ILE B 268 6.94 8.52 -4.19
N THR B 269 6.45 9.72 -4.55
CA THR B 269 6.63 10.20 -5.91
C THR B 269 8.10 10.39 -6.26
N VAL B 270 8.88 10.96 -5.32
CA VAL B 270 10.30 11.16 -5.60
C VAL B 270 11.04 9.82 -5.71
N CYS B 271 10.73 8.88 -4.82
CA CYS B 271 11.38 7.57 -4.84
C CYS B 271 11.08 6.81 -6.12
N TYR B 272 9.82 6.77 -6.54
CA TYR B 272 9.52 6.05 -7.77
C TYR B 272 9.99 6.79 -9.00
N GLY B 273 10.06 8.13 -8.95
CA GLY B 273 10.64 8.86 -10.06
C GLY B 273 12.11 8.56 -10.26
N LEU B 274 12.83 8.33 -9.17
CA LEU B 274 14.21 7.90 -9.31
C LEU B 274 14.33 6.44 -9.75
N MET B 275 13.43 5.58 -9.24
CA MET B 275 13.46 4.16 -9.59
C MET B 275 13.23 3.95 -11.07
N ILE B 276 12.27 4.68 -11.66
CA ILE B 276 11.96 4.51 -13.07
C ILE B 276 13.13 4.99 -13.94
N LEU B 277 13.78 6.08 -13.52
CA LEU B 277 14.92 6.59 -14.27
C LEU B 277 16.08 5.61 -14.23
N ARG B 278 16.25 4.89 -13.12
CA ARG B 278 17.25 3.83 -13.11
C ARG B 278 16.83 2.63 -13.94
N LEU B 279 15.57 2.20 -13.82
CA LEU B 279 15.13 0.96 -14.46
C LEU B 279 15.01 1.10 -15.96
N LYS B 280 14.89 2.33 -16.47
CA LYS B 280 14.78 2.50 -17.91
C LYS B 280 16.06 2.12 -18.64
N SER B 281 17.22 2.54 -18.13
CA SER B 281 18.46 2.46 -18.88
C SER B 281 19.41 1.37 -18.40
N VAL B 282 18.97 0.51 -17.48
CA VAL B 282 19.83 -0.50 -16.88
C VAL B 282 19.67 -1.82 -17.64
N ARG B 283 20.79 -2.38 -18.10
CA ARG B 283 20.75 -3.69 -18.74
C ARG B 283 20.37 -4.77 -17.72
N LEU B 284 21.18 -4.95 -16.69
CA LEU B 284 20.89 -5.85 -15.59
C LEU B 284 21.13 -5.12 -14.28
N LEU B 285 20.38 -5.52 -13.25
CA LEU B 285 20.46 -4.82 -11.98
C LEU B 285 21.46 -5.47 -11.01
N SER B 286 21.45 -6.79 -10.89
CA SER B 286 22.34 -7.47 -9.95
C SER B 286 23.33 -8.40 -10.63
N GLY B 287 23.45 -8.33 -11.95
CA GLY B 287 24.39 -9.15 -12.68
C GLY B 287 23.85 -10.48 -13.17
N SER B 288 22.65 -10.86 -12.76
CA SER B 288 22.04 -12.12 -13.19
C SER B 288 20.62 -11.83 -13.67
N ARG B 289 20.21 -12.54 -14.72
CA ARG B 289 18.90 -12.30 -15.32
C ARG B 289 17.76 -12.67 -14.37
N GLU B 290 17.93 -13.76 -13.62
CA GLU B 290 16.92 -14.18 -12.66
C GLU B 290 16.77 -13.14 -11.55
N LYS B 291 17.90 -12.60 -11.08
CA LYS B 291 17.85 -11.54 -10.09
C LYS B 291 17.22 -10.27 -10.66
N ASP B 292 17.41 -10.02 -11.96
CA ASP B 292 16.74 -8.91 -12.63
C ASP B 292 15.23 -9.06 -12.60
N ARG B 293 14.73 -10.24 -13.00
CA ARG B 293 13.28 -10.44 -13.02
C ARG B 293 12.70 -10.41 -11.61
N ASN B 294 13.38 -11.03 -10.65
CA ASN B 294 12.89 -11.02 -9.28
C ASN B 294 12.95 -9.63 -8.67
N LEU B 295 13.85 -8.78 -9.14
CA LEU B 295 13.96 -7.43 -8.60
C LEU B 295 12.95 -6.48 -9.25
N ARG B 296 12.53 -6.77 -10.48
CA ARG B 296 11.55 -5.91 -11.13
C ARG B 296 10.10 -6.27 -10.80
N ARG B 297 9.80 -7.56 -10.60
CA ARG B 297 8.43 -7.96 -10.28
C ARG B 297 7.98 -7.40 -8.94
N ILE B 298 8.85 -7.38 -7.94
CA ILE B 298 8.49 -6.88 -6.62
C ILE B 298 8.24 -5.38 -6.65
N THR B 299 9.06 -4.64 -7.41
CA THR B 299 8.84 -3.21 -7.56
C THR B 299 7.51 -2.91 -8.26
N ARG B 300 7.15 -3.70 -9.28
CA ARG B 300 5.86 -3.52 -9.92
C ARG B 300 4.70 -3.80 -8.95
N MET B 301 4.83 -4.85 -8.14
CA MET B 301 3.80 -5.16 -7.15
C MET B 301 3.63 -4.06 -6.12
N VAL B 302 4.75 -3.50 -5.63
CA VAL B 302 4.67 -2.44 -4.64
C VAL B 302 4.06 -1.18 -5.23
N LEU B 303 4.39 -0.87 -6.49
CA LEU B 303 3.78 0.30 -7.12
C LEU B 303 2.28 0.14 -7.32
N VAL B 304 1.84 -1.08 -7.67
CA VAL B 304 0.41 -1.31 -7.83
C VAL B 304 -0.32 -1.18 -6.49
N VAL B 305 0.28 -1.66 -5.41
CA VAL B 305 -0.35 -1.52 -4.10
C VAL B 305 -0.41 -0.05 -3.66
N VAL B 306 0.64 0.72 -3.92
CA VAL B 306 0.63 2.15 -3.57
C VAL B 306 -0.43 2.89 -4.38
N ALA B 307 -0.56 2.59 -5.67
CA ALA B 307 -1.57 3.23 -6.49
C ALA B 307 -2.99 2.88 -6.03
N VAL B 308 -3.22 1.63 -5.65
CA VAL B 308 -4.53 1.22 -5.15
C VAL B 308 -4.88 1.96 -3.86
N PHE B 309 -3.91 2.08 -2.94
CA PHE B 309 -4.15 2.80 -1.69
C PHE B 309 -4.48 4.28 -1.94
N ILE B 310 -3.72 4.93 -2.82
CA ILE B 310 -3.94 6.35 -3.08
C ILE B 310 -5.29 6.59 -3.73
N VAL B 311 -5.66 5.73 -4.69
CA VAL B 311 -6.96 5.90 -5.36
C VAL B 311 -8.11 5.62 -4.41
N CYS B 312 -7.95 4.68 -3.48
CA CYS B 312 -9.04 4.43 -2.55
C CYS B 312 -9.17 5.53 -1.51
N TRP B 313 -8.07 6.16 -1.10
CA TRP B 313 -8.15 7.05 0.06
C TRP B 313 -8.15 8.54 -0.28
N THR B 314 -7.85 8.93 -1.51
CA THR B 314 -7.88 10.37 -1.85
C THR B 314 -9.24 11.05 -1.72
N PRO B 315 -10.35 10.50 -2.23
CA PRO B 315 -11.63 11.24 -2.19
C PRO B 315 -12.15 11.56 -0.80
N ILE B 316 -11.97 10.69 0.19
CA ILE B 316 -12.44 11.01 1.53
C ILE B 316 -11.63 12.15 2.14
N HIS B 317 -10.33 12.18 1.90
CA HIS B 317 -9.50 13.25 2.46
C HIS B 317 -9.84 14.59 1.86
N ILE B 318 -9.93 14.65 0.52
CA ILE B 318 -10.28 15.90 -0.14
C ILE B 318 -11.68 16.34 0.25
N TYR B 319 -12.59 15.38 0.42
CA TYR B 319 -13.97 15.72 0.71
C TYR B 319 -14.13 16.19 2.15
N VAL B 320 -13.33 15.65 3.07
CA VAL B 320 -13.31 16.17 4.44
C VAL B 320 -12.82 17.61 4.47
N ILE B 321 -11.77 17.92 3.70
CA ILE B 321 -11.28 19.31 3.68
C ILE B 321 -12.32 20.24 3.05
N ILE B 322 -12.96 19.80 1.96
CA ILE B 322 -13.97 20.64 1.30
C ILE B 322 -15.17 20.87 2.21
N LYS B 323 -15.57 19.85 2.96
CA LYS B 323 -16.60 20.07 3.97
C LYS B 323 -16.10 20.98 5.09
N ALA B 324 -14.79 20.97 5.36
CA ALA B 324 -14.25 21.80 6.42
C ALA B 324 -14.36 23.29 6.09
N LEU B 325 -13.90 23.69 4.91
CA LEU B 325 -13.89 25.13 4.65
C LEU B 325 -14.93 25.60 3.64
N ILE B 326 -15.30 24.78 2.65
CA ILE B 326 -16.20 25.27 1.61
C ILE B 326 -17.60 25.48 2.14
N THR B 327 -17.98 24.74 3.19
CA THR B 327 -19.32 24.83 3.80
C THR B 327 -20.41 24.45 2.80
N ILE B 328 -20.33 23.21 2.32
CA ILE B 328 -21.29 22.72 1.32
C ILE B 328 -22.66 22.59 1.97
N PRO B 329 -23.76 22.89 1.26
CA PRO B 329 -25.08 22.78 1.87
C PRO B 329 -25.53 21.33 2.00
N GLU B 330 -26.75 21.12 2.50
CA GLU B 330 -27.31 19.79 2.68
C GLU B 330 -28.09 19.41 1.43
N THR B 331 -27.68 18.33 0.78
CA THR B 331 -28.29 17.90 -0.47
C THR B 331 -28.53 16.40 -0.43
N THR B 332 -29.48 15.95 -1.25
CA THR B 332 -29.84 14.54 -1.26
C THR B 332 -28.71 13.66 -1.80
N PHE B 333 -27.95 14.18 -2.78
CA PHE B 333 -26.83 13.41 -3.32
C PHE B 333 -25.57 13.54 -2.47
N GLN B 334 -25.45 14.64 -1.72
CA GLN B 334 -24.19 14.94 -1.04
C GLN B 334 -23.93 13.96 0.10
N THR B 335 -24.97 13.64 0.89
CA THR B 335 -24.80 12.69 1.99
C THR B 335 -24.46 11.29 1.48
N VAL B 336 -25.10 10.87 0.39
CA VAL B 336 -24.82 9.56 -0.18
C VAL B 336 -23.41 9.50 -0.75
N SER B 337 -22.95 10.60 -1.35
CA SER B 337 -21.57 10.65 -1.84
C SER B 337 -20.58 10.57 -0.69
N TRP B 338 -20.89 11.25 0.41
CA TRP B 338 -20.03 11.24 1.60
C TRP B 338 -19.91 9.83 2.17
N HIS B 339 -21.02 9.12 2.28
CA HIS B 339 -21.02 7.76 2.80
C HIS B 339 -20.50 6.75 1.81
N PHE B 340 -20.38 7.12 0.55
CA PHE B 340 -19.78 6.28 -0.41
C PHE B 340 -18.30 6.43 -0.10
N CYS B 341 -17.79 7.66 -0.07
CA CYS B 341 -16.36 7.92 0.07
C CYS B 341 -15.79 7.25 1.32
N ILE B 342 -16.52 7.32 2.44
CA ILE B 342 -16.09 6.66 3.66
C ILE B 342 -16.08 5.14 3.48
N ALA B 343 -17.09 4.62 2.76
CA ALA B 343 -17.15 3.20 2.47
C ALA B 343 -15.98 2.75 1.60
N LEU B 344 -15.57 3.56 0.63
CA LEU B 344 -14.39 3.25 -0.17
C LEU B 344 -13.13 3.21 0.69
N GLY B 345 -13.01 4.17 1.62
CA GLY B 345 -11.87 4.18 2.51
C GLY B 345 -11.78 2.95 3.38
N TYR B 346 -12.91 2.45 3.86
CA TYR B 346 -12.89 1.18 4.60
C TYR B 346 -12.68 -0.02 3.68
N THR B 347 -13.22 0.04 2.45
CA THR B 347 -13.15 -1.07 1.50
C THR B 347 -11.74 -1.31 0.98
N ASN B 348 -10.85 -0.32 1.08
CA ASN B 348 -9.47 -0.51 0.60
C ASN B 348 -8.73 -1.62 1.35
N SER B 349 -9.10 -1.89 2.61
CA SER B 349 -8.44 -2.94 3.38
C SER B 349 -8.69 -4.33 2.80
N CYS B 350 -9.82 -4.51 2.12
CA CYS B 350 -10.19 -5.80 1.58
C CYS B 350 -9.35 -6.20 0.37
N LEU B 351 -8.88 -5.24 -0.41
CA LEU B 351 -8.40 -5.54 -1.76
C LEU B 351 -7.00 -6.15 -1.75
N ASN B 352 -6.15 -5.74 -0.80
CA ASN B 352 -4.72 -6.03 -0.83
C ASN B 352 -4.33 -7.50 -0.82
N PRO B 353 -4.93 -8.37 0.03
CA PRO B 353 -4.65 -9.81 -0.09
C PRO B 353 -5.01 -10.41 -1.44
N VAL B 354 -6.07 -9.88 -2.05
CA VAL B 354 -6.44 -10.32 -3.39
C VAL B 354 -5.38 -9.94 -4.41
N LEU B 355 -4.82 -8.73 -4.29
CA LEU B 355 -3.74 -8.32 -5.19
C LEU B 355 -2.50 -9.15 -4.96
N TYR B 356 -2.18 -9.45 -3.70
CA TYR B 356 -1.02 -10.28 -3.42
C TYR B 356 -1.21 -11.72 -3.87
N ALA B 357 -2.46 -12.16 -4.04
CA ALA B 357 -2.70 -13.52 -4.52
C ALA B 357 -2.17 -13.74 -5.93
N PHE B 358 -2.35 -12.77 -6.84
CA PHE B 358 -1.88 -12.98 -8.20
C PHE B 358 -0.94 -11.88 -8.69
N LEU B 359 -0.29 -11.15 -7.80
CA LEU B 359 0.81 -10.30 -8.22
C LEU B 359 2.17 -10.88 -7.86
N ASP B 360 2.24 -11.80 -6.90
CA ASP B 360 3.47 -12.48 -6.51
C ASP B 360 3.23 -13.97 -6.67
N GLU B 361 4.14 -14.64 -7.38
CA GLU B 361 3.97 -16.06 -7.66
C GLU B 361 4.12 -16.90 -6.39
N ASN B 362 5.05 -16.53 -5.51
CA ASN B 362 5.27 -17.30 -4.29
C ASN B 362 4.05 -17.23 -3.36
N PHE B 363 3.42 -16.06 -3.29
CA PHE B 363 2.20 -15.93 -2.49
C PHE B 363 1.09 -16.80 -3.06
N LYS B 364 0.95 -16.85 -4.38
CA LYS B 364 -0.07 -17.68 -5.00
C LYS B 364 0.18 -19.17 -4.74
N ARG B 365 1.44 -19.60 -4.85
CA ARG B 365 1.77 -20.99 -4.58
C ARG B 365 1.52 -21.35 -3.12
N CYS B 366 1.88 -20.46 -2.20
CA CYS B 366 1.67 -20.74 -0.78
C CYS B 366 0.19 -20.72 -0.42
N PHE B 367 -0.60 -19.86 -1.06
CA PHE B 367 -2.04 -19.88 -0.84
C PHE B 367 -2.65 -21.19 -1.35
N ARG B 368 -2.22 -21.64 -2.53
CA ARG B 368 -2.80 -22.84 -3.12
C ARG B 368 -2.41 -24.09 -2.35
N GLU B 369 -1.12 -24.22 -2.01
CA GLU B 369 -0.65 -25.43 -1.35
C GLU B 369 -1.17 -25.54 0.08
N PHE B 370 -1.29 -24.41 0.77
CA PHE B 370 -1.78 -24.39 2.14
C PHE B 370 -3.24 -24.84 2.22
#